data_5L2M
#
_entry.id   5L2M
#
_cell.length_a   109.064
_cell.length_b   109.064
_cell.length_c   83.178
_cell.angle_alpha   90.00
_cell.angle_beta   90.00
_cell.angle_gamma   90.00
#
_symmetry.space_group_name_H-M   'P 4 2 2'
#
loop_
_entity.id
_entity.type
_entity.pdbx_description
1 polymer 'Retinal dehydrogenase 1'
2 non-polymer 'YTTERBIUM (III) ION'
3 non-polymer 2,3,5-trimethyl-6-[3-oxo-3-(piperidin-1-yl)propyl]-7H-furo[3,2-g][1]benzopyran-7-one
4 non-polymer 'CHLORIDE ION'
5 water water
#
_entity_poly.entity_id   1
_entity_poly.type   'polypeptide(L)'
_entity_poly.pdbx_seq_one_letter_code
;MSSSGTPDLPVLLTDLKIQYTKIFINNEWHDSVSGKKFPVFNPATEEELCQVEEGDKEDVDKAVKAARQAFQIGSPWRTM
DASERGRLLYKLADLIERDRLLLATMESMNGGKLYSNAYLNDLAGCIKTLRYCAGWADKIQGRTIPIDGNFFTYTRHEPI
GVCGQIIPWNFPLVMLIWKIGPALSCGNTVVVKPAEQTPLTALHVASLIKEAGFPPGVVNIVPGYGPTAGAAISSHMDID
KVAFTGSTEVGKLIKEAAGKSNLKRVTLELGGKSPCIVLADADLDNAVEFAHHGVFYHQGQC(CSO)IAASRIFVEESIY
DEFVRRSVERAKKYILGNPLTPGVTQGPQIDKEQYDKILDLIESGKKEGAKLECGGGPWGNKGYFVQPTVFSNVTDEMRI
AKEEIFGPVQQIMKFKSLDDVIKRANNTFYGLSAGVFTKDIDKAITISSALQAGTVWVNCYGVVSAQCPFGGFKMSGNGR
ELGEYGFHEYTEVKTVTVKISQKNS
;
_entity_poly.pdbx_strand_id   A
#
# COMPACT_ATOMS: atom_id res chain seq x y z
N ASP A 8 15.23 -8.23 -19.61
CA ASP A 8 15.45 -6.83 -20.07
C ASP A 8 15.37 -5.87 -18.89
N LEU A 9 16.53 -5.54 -18.31
CA LEU A 9 16.55 -4.42 -17.36
C LEU A 9 17.28 -3.23 -17.99
N PRO A 10 16.55 -2.40 -18.74
CA PRO A 10 17.16 -1.18 -19.29
C PRO A 10 17.30 -0.10 -18.21
N VAL A 11 18.21 0.84 -18.43
CA VAL A 11 18.41 1.96 -17.51
C VAL A 11 18.39 3.32 -18.23
N LEU A 12 18.36 4.37 -17.43
CA LEU A 12 18.41 5.75 -17.90
C LEU A 12 19.82 6.08 -18.40
N LEU A 13 19.94 6.50 -19.66
CA LEU A 13 21.23 6.88 -20.24
C LEU A 13 21.84 8.10 -19.55
N THR A 14 21.00 9.10 -19.26
CA THR A 14 21.42 10.36 -18.66
C THR A 14 21.14 10.30 -17.16
N ASP A 15 21.91 11.06 -16.38
CA ASP A 15 21.64 11.23 -14.95
C ASP A 15 20.26 11.86 -14.75
N LEU A 16 19.64 11.53 -13.63
CA LEU A 16 18.30 11.99 -13.30
C LEU A 16 18.33 13.44 -12.81
N LYS A 17 17.38 14.24 -13.30
CA LYS A 17 17.19 15.61 -12.81
C LYS A 17 15.89 15.69 -12.03
N ILE A 18 15.92 16.30 -10.86
CA ILE A 18 14.67 16.55 -10.14
C ILE A 18 14.09 17.85 -10.70
N GLN A 19 12.86 17.76 -11.19
CA GLN A 19 12.15 18.91 -11.77
C GLN A 19 10.99 19.34 -10.88
N TYR A 20 10.08 18.41 -10.58
CA TYR A 20 8.83 18.73 -9.86
C TYR A 20 8.96 18.61 -8.34
N THR A 21 8.86 19.76 -7.66
CA THR A 21 9.06 19.85 -6.21
C THR A 21 8.01 20.71 -5.50
N LYS A 22 6.94 21.09 -6.18
CA LYS A 22 5.99 22.01 -5.58
C LYS A 22 4.63 21.36 -5.34
N ILE A 23 3.79 22.07 -4.59
CA ILE A 23 2.43 21.66 -4.30
C ILE A 23 1.59 21.77 -5.57
N PHE A 24 0.81 20.72 -5.89
CA PHE A 24 0.05 20.64 -7.15
C PHE A 24 -1.42 20.86 -6.83
N ILE A 25 -1.96 22.00 -7.25
CA ILE A 25 -3.39 22.34 -7.02
C ILE A 25 -3.97 22.99 -8.29
N ASN A 26 -5.13 22.52 -8.74
CA ASN A 26 -5.76 23.05 -9.95
C ASN A 26 -4.84 23.00 -11.17
N ASN A 27 -4.11 21.89 -11.27
CA ASN A 27 -3.09 21.70 -12.31
C ASN A 27 -2.06 22.84 -12.42
N GLU A 28 -1.76 23.50 -11.32
CA GLU A 28 -0.62 24.43 -11.31
C GLU A 28 0.21 24.22 -10.05
N TRP A 29 1.45 24.69 -10.11
CA TRP A 29 2.42 24.44 -9.05
C TRP A 29 2.41 25.63 -8.08
N HIS A 30 2.27 25.37 -6.78
CA HIS A 30 2.17 26.41 -5.77
C HIS A 30 3.30 26.26 -4.77
N ASP A 31 3.74 27.39 -4.25
CA ASP A 31 4.58 27.43 -3.06
C ASP A 31 3.67 27.20 -1.89
N SER A 32 4.24 26.67 -0.82
CA SER A 32 3.58 26.58 0.47
C SER A 32 3.16 27.99 0.92
N VAL A 33 2.01 28.07 1.56
CA VAL A 33 1.46 29.32 2.07
C VAL A 33 2.43 29.96 3.07
N SER A 34 3.08 29.14 3.89
CA SER A 34 4.11 29.62 4.80
C SER A 34 5.36 30.08 4.04
N GLY A 35 5.63 29.42 2.92
CA GLY A 35 6.87 29.64 2.18
C GLY A 35 7.96 28.72 2.67
N LYS A 36 7.63 27.82 3.61
CA LYS A 36 8.58 26.86 4.13
C LYS A 36 8.73 25.66 3.21
N LYS A 37 9.89 25.02 3.36
CA LYS A 37 10.28 23.90 2.54
C LYS A 37 10.85 22.81 3.46
N PHE A 38 10.81 21.55 3.01
CA PHE A 38 11.45 20.47 3.76
C PHE A 38 12.39 19.61 2.89
N PRO A 39 13.49 19.12 3.49
CA PRO A 39 14.46 18.29 2.76
C PRO A 39 13.97 16.87 2.47
N VAL A 40 14.45 16.29 1.37
CA VAL A 40 14.15 14.92 0.99
C VAL A 40 15.47 14.20 0.77
N PHE A 41 15.61 12.98 1.29
CA PHE A 41 16.92 12.30 1.34
C PHE A 41 17.02 11.02 0.52
N ASN A 42 18.24 10.59 0.27
CA ASN A 42 18.50 9.25 -0.25
C ASN A 42 18.87 8.31 0.92
N PRO A 43 17.98 7.34 1.26
CA PRO A 43 18.23 6.42 2.39
C PRO A 43 19.53 5.64 2.30
N ALA A 44 20.03 5.43 1.09
CA ALA A 44 21.23 4.65 0.85
C ALA A 44 22.51 5.45 1.12
N THR A 45 22.43 6.77 0.97
CA THR A 45 23.60 7.64 1.21
C THR A 45 23.46 8.59 2.41
N GLU A 46 22.22 8.85 2.83
CA GLU A 46 21.88 9.85 3.85
C GLU A 46 22.09 11.28 3.35
N GLU A 47 22.23 11.42 2.02
CA GLU A 47 22.46 12.72 1.38
C GLU A 47 21.14 13.36 0.96
N GLU A 48 21.05 14.68 1.10
CA GLU A 48 19.88 15.43 0.64
C GLU A 48 19.82 15.29 -0.87
N LEU A 49 18.62 14.98 -1.38
CA LEU A 49 18.36 14.92 -2.82
C LEU A 49 17.85 16.25 -3.34
N CYS A 50 16.92 16.85 -2.58
CA CYS A 50 16.37 18.16 -2.89
C CYS A 50 15.51 18.68 -1.73
N GLN A 51 14.97 19.87 -1.93
CA GLN A 51 13.99 20.50 -1.05
C GLN A 51 12.64 20.48 -1.75
N VAL A 52 11.57 20.27 -0.98
CA VAL A 52 10.20 20.22 -1.51
C VAL A 52 9.33 21.16 -0.67
N GLU A 53 8.33 21.79 -1.30
CA GLU A 53 7.46 22.73 -0.58
C GLU A 53 6.75 21.99 0.53
N GLU A 54 6.70 22.59 1.71
CA GLU A 54 6.10 21.94 2.86
C GLU A 54 4.64 22.33 3.03
N GLY A 55 3.75 21.35 2.87
CA GLY A 55 2.32 21.58 2.96
C GLY A 55 1.82 21.53 4.38
N ASP A 56 0.89 22.43 4.69
CA ASP A 56 0.28 22.48 6.01
C ASP A 56 -1.23 22.56 5.86
N LYS A 57 -1.93 22.61 7.00
CA LYS A 57 -3.38 22.84 7.03
C LYS A 57 -3.81 23.87 6.01
N GLU A 58 -3.10 24.99 5.98
CA GLU A 58 -3.43 26.12 5.10
C GLU A 58 -3.38 25.70 3.58
N ASP A 59 -2.46 24.82 3.21
CA ASP A 59 -2.34 24.35 1.83
C ASP A 59 -3.30 23.21 1.54
N VAL A 60 -3.62 22.43 2.57
CA VAL A 60 -4.68 21.41 2.47
C VAL A 60 -6.01 22.10 2.21
N ASP A 61 -6.21 23.29 2.79
CA ASP A 61 -7.47 24.02 2.62
C ASP A 61 -7.64 24.51 1.18
N LYS A 62 -6.55 24.95 0.55
CA LYS A 62 -6.59 25.35 -0.85
C LYS A 62 -6.84 24.14 -1.74
N ALA A 63 -6.25 23.02 -1.38
CA ALA A 63 -6.41 21.78 -2.13
C ALA A 63 -7.86 21.25 -2.10
N VAL A 64 -8.50 21.24 -0.92
CA VAL A 64 -9.91 20.82 -0.78
C VAL A 64 -10.87 21.75 -1.51
N LYS A 65 -10.68 23.06 -1.41
CA LYS A 65 -11.55 23.99 -2.13
C LYS A 65 -11.51 23.72 -3.64
N ALA A 66 -10.35 23.34 -4.14
CA ALA A 66 -10.18 23.00 -5.56
C ALA A 66 -10.88 21.69 -5.90
N ALA A 67 -10.67 20.69 -5.04
CA ALA A 67 -11.34 19.43 -5.22
C ALA A 67 -12.83 19.61 -5.09
N ARG A 68 -13.28 20.43 -4.14
CA ARG A 68 -14.71 20.64 -3.96
C ARG A 68 -15.33 21.30 -5.18
N GLN A 69 -14.63 22.29 -5.71
CA GLN A 69 -15.08 22.96 -6.91
C GLN A 69 -15.12 22.04 -8.14
N ALA A 70 -14.11 21.20 -8.31
CA ALA A 70 -14.08 20.24 -9.40
C ALA A 70 -15.15 19.15 -9.27
N PHE A 71 -15.65 18.94 -8.06
CA PHE A 71 -16.73 17.98 -7.86
C PHE A 71 -18.14 18.59 -8.04
N GLN A 72 -18.26 19.91 -8.20
CA GLN A 72 -19.60 20.53 -8.20
C GLN A 72 -20.48 19.99 -9.34
N ILE A 73 -21.76 19.74 -9.04
CA ILE A 73 -22.72 19.43 -10.09
C ILE A 73 -22.57 20.39 -11.29
N GLY A 74 -22.53 19.80 -12.49
CA GLY A 74 -22.34 20.59 -13.71
C GLY A 74 -20.90 20.86 -14.15
N SER A 75 -19.93 20.47 -13.33
CA SER A 75 -18.53 20.63 -13.71
C SER A 75 -18.12 19.65 -14.81
N PRO A 76 -17.02 19.94 -15.49
CA PRO A 76 -16.52 18.98 -16.48
C PRO A 76 -16.26 17.53 -15.97
N TRP A 77 -15.69 17.35 -14.77
CA TRP A 77 -15.49 16.02 -14.20
C TRP A 77 -16.82 15.30 -13.86
N ARG A 78 -17.84 16.04 -13.45
CA ARG A 78 -19.17 15.45 -13.12
C ARG A 78 -19.98 15.09 -14.35
N THR A 79 -19.82 15.90 -15.40
CA THR A 79 -20.64 15.78 -16.60
C THR A 79 -19.99 14.96 -17.73
N MET A 80 -18.67 14.77 -17.70
CA MET A 80 -18.06 14.00 -18.79
C MET A 80 -18.53 12.57 -18.75
N ASP A 81 -18.49 11.92 -19.90
CA ASP A 81 -18.89 10.51 -19.94
C ASP A 81 -18.00 9.72 -19.01
N ALA A 82 -18.58 8.72 -18.35
CA ALA A 82 -17.77 7.77 -17.59
C ALA A 82 -16.69 7.14 -18.46
N SER A 83 -17.04 6.80 -19.70
CA SER A 83 -16.02 6.25 -20.62
C SER A 83 -14.79 7.17 -20.83
N GLU A 84 -15.00 8.49 -20.72
CA GLU A 84 -13.94 9.45 -20.89
CA GLU A 84 -13.94 9.45 -20.89
C GLU A 84 -13.10 9.57 -19.61
N ARG A 85 -13.71 9.36 -18.43
CA ARG A 85 -12.90 9.24 -17.19
C ARG A 85 -11.92 8.07 -17.38
N GLY A 86 -12.42 7.00 -18.01
CA GLY A 86 -11.64 5.78 -18.28
C GLY A 86 -10.50 6.06 -19.24
N ARG A 87 -10.83 6.78 -20.30
CA ARG A 87 -9.84 7.24 -21.26
C ARG A 87 -8.70 8.00 -20.64
N LEU A 88 -9.03 8.95 -19.77
CA LEU A 88 -8.02 9.75 -19.08
C LEU A 88 -7.10 8.90 -18.23
N LEU A 89 -7.67 7.91 -17.55
CA LEU A 89 -6.88 6.97 -16.75
C LEU A 89 -5.96 6.09 -17.65
N TYR A 90 -6.46 5.59 -18.80
N TYR A 90 -6.49 5.58 -18.79
CA TYR A 90 -5.60 4.79 -19.70
CA TYR A 90 -5.68 4.81 -19.74
C TYR A 90 -4.51 5.67 -20.32
C TYR A 90 -4.52 5.68 -20.27
N LYS A 91 -4.83 6.94 -20.56
CA LYS A 91 -3.82 7.87 -21.05
C LYS A 91 -2.73 8.08 -20.00
N LEU A 92 -3.13 8.18 -18.73
CA LEU A 92 -2.18 8.40 -17.66
C LEU A 92 -1.26 7.19 -17.54
N ALA A 93 -1.82 6.00 -17.69
CA ALA A 93 -1.01 4.78 -17.69
C ALA A 93 0.02 4.75 -18.85
N ASP A 94 -0.39 5.18 -20.06
CA ASP A 94 0.53 5.30 -21.23
C ASP A 94 1.66 6.26 -20.96
N LEU A 95 1.35 7.31 -20.21
CA LEU A 95 2.34 8.34 -19.91
C LEU A 95 3.35 7.83 -18.91
N ILE A 96 2.85 7.18 -17.86
CA ILE A 96 3.72 6.55 -16.87
C ILE A 96 4.58 5.49 -17.54
N GLU A 97 4.02 4.77 -18.49
CA GLU A 97 4.81 3.79 -19.24
C GLU A 97 5.94 4.48 -19.99
N ARG A 98 5.63 5.64 -20.58
CA ARG A 98 6.63 6.44 -21.34
C ARG A 98 7.81 6.89 -20.43
N ASP A 99 7.48 7.23 -19.20
CA ASP A 99 8.44 7.70 -18.26
C ASP A 99 8.85 6.60 -17.27
N ARG A 100 8.75 5.34 -17.68
CA ARG A 100 9.03 4.19 -16.81
C ARG A 100 10.47 4.24 -16.28
N LEU A 101 11.42 4.57 -17.14
CA LEU A 101 12.82 4.60 -16.72
C LEU A 101 13.06 5.67 -15.68
N LEU A 102 12.55 6.86 -15.97
CA LEU A 102 12.65 8.00 -15.08
C LEU A 102 12.02 7.73 -13.72
N LEU A 103 10.80 7.23 -13.77
CA LEU A 103 10.05 7.03 -12.55
C LEU A 103 10.64 5.93 -11.67
N ALA A 104 11.05 4.83 -12.29
CA ALA A 104 11.72 3.75 -11.56
C ALA A 104 13.04 4.20 -10.89
N THR A 105 13.75 5.10 -11.54
CA THR A 105 15.05 5.56 -11.01
C THR A 105 14.79 6.43 -9.77
N MET A 106 13.84 7.36 -9.93
CA MET A 106 13.41 8.24 -8.85
C MET A 106 12.88 7.43 -7.66
N GLU A 107 12.12 6.38 -7.97
CA GLU A 107 11.59 5.49 -6.93
C GLU A 107 12.75 4.79 -6.20
N SER A 108 13.69 4.24 -6.97
CA SER A 108 14.85 3.53 -6.40
C SER A 108 15.73 4.45 -5.54
N MET A 109 16.01 5.63 -6.07
CA MET A 109 16.87 6.61 -5.42
C MET A 109 16.21 7.27 -4.20
N ASN A 110 14.91 7.61 -4.28
CA ASN A 110 14.21 8.29 -3.16
C ASN A 110 13.72 7.31 -2.08
N GLY A 111 13.36 6.11 -2.49
CA GLY A 111 12.76 5.14 -1.58
C GLY A 111 13.65 3.99 -1.14
N GLY A 112 14.91 3.99 -1.59
CA GLY A 112 15.85 2.91 -1.25
C GLY A 112 15.44 1.57 -1.83
N LYS A 113 14.68 1.59 -2.93
CA LYS A 113 14.11 0.39 -3.52
C LYS A 113 15.00 -0.16 -4.62
N LEU A 114 15.30 -1.46 -4.60
CA LEU A 114 16.10 -2.09 -5.68
C LEU A 114 15.56 -1.70 -7.06
N TYR A 115 16.44 -1.24 -7.94
CA TYR A 115 16.02 -0.79 -9.25
C TYR A 115 15.34 -1.88 -10.10
N SER A 116 15.83 -3.11 -10.06
CA SER A 116 15.18 -4.16 -10.84
C SER A 116 13.74 -4.34 -10.38
N ASN A 117 13.53 -4.34 -9.07
CA ASN A 117 12.17 -4.45 -8.53
C ASN A 117 11.35 -3.22 -8.90
N ALA A 118 11.93 -2.04 -8.75
CA ALA A 118 11.24 -0.80 -9.10
C ALA A 118 10.82 -0.79 -10.56
N TYR A 119 11.73 -1.20 -11.43
CA TYR A 119 11.46 -1.18 -12.85
C TYR A 119 10.50 -2.32 -13.24
N LEU A 120 10.83 -3.56 -12.88
CA LEU A 120 10.06 -4.74 -13.34
C LEU A 120 8.74 -4.98 -12.58
N ASN A 121 8.70 -4.59 -11.31
CA ASN A 121 7.53 -4.86 -10.49
C ASN A 121 6.70 -3.63 -10.15
N ASP A 122 7.28 -2.63 -9.50
CA ASP A 122 6.50 -1.48 -9.08
C ASP A 122 5.90 -0.77 -10.27
N LEU A 123 6.75 -0.41 -11.24
CA LEU A 123 6.22 0.31 -12.41
C LEU A 123 5.24 -0.52 -13.26
N ALA A 124 5.52 -1.79 -13.45
CA ALA A 124 4.61 -2.69 -14.16
C ALA A 124 3.26 -2.79 -13.41
N GLY A 125 3.31 -2.78 -12.08
CA GLY A 125 2.11 -2.81 -11.23
C GLY A 125 1.30 -1.51 -11.28
N CYS A 126 2.00 -0.36 -11.33
CA CYS A 126 1.35 0.95 -11.52
C CYS A 126 0.55 0.99 -12.80
N ILE A 127 1.23 0.66 -13.89
CA ILE A 127 0.64 0.72 -15.23
C ILE A 127 -0.57 -0.24 -15.32
N LYS A 128 -0.34 -1.49 -14.93
CA LYS A 128 -1.40 -2.50 -14.94
C LYS A 128 -2.57 -2.18 -14.07
N THR A 129 -2.33 -1.67 -12.87
CA THR A 129 -3.45 -1.31 -11.98
C THR A 129 -4.22 -0.12 -12.55
N LEU A 130 -3.50 0.91 -13.01
CA LEU A 130 -4.20 2.00 -13.69
C LEU A 130 -5.06 1.53 -14.86
N ARG A 131 -4.56 0.62 -15.70
CA ARG A 131 -5.35 0.16 -16.82
C ARG A 131 -6.57 -0.65 -16.38
N TYR A 132 -6.37 -1.45 -15.35
CA TYR A 132 -7.50 -2.16 -14.75
C TYR A 132 -8.59 -1.21 -14.32
N CYS A 133 -8.23 -0.20 -13.56
CA CYS A 133 -9.17 0.82 -13.05
C CYS A 133 -9.87 1.64 -14.11
N ALA A 134 -9.13 1.99 -15.17
CA ALA A 134 -9.70 2.70 -16.30
C ALA A 134 -10.88 1.89 -16.85
N GLY A 135 -10.75 0.56 -16.85
CA GLY A 135 -11.76 -0.29 -17.44
C GLY A 135 -13.05 -0.36 -16.64
N TRP A 136 -12.98 -0.11 -15.33
CA TRP A 136 -14.18 -0.06 -14.49
C TRP A 136 -15.02 1.19 -14.66
N ALA A 137 -14.47 2.28 -15.20
CA ALA A 137 -15.14 3.59 -15.09
C ALA A 137 -16.60 3.61 -15.56
N ASP A 138 -16.86 3.03 -16.72
CA ASP A 138 -18.18 3.01 -17.34
C ASP A 138 -18.94 1.71 -17.10
N LYS A 139 -18.50 0.96 -16.09
CA LYS A 139 -19.06 -0.33 -15.68
C LYS A 139 -19.49 -0.29 -14.21
N ILE A 140 -19.44 0.89 -13.58
CA ILE A 140 -19.97 1.13 -12.23
C ILE A 140 -21.48 1.40 -12.46
N GLN A 141 -22.32 0.56 -11.86
CA GLN A 141 -23.76 0.55 -12.15
C GLN A 141 -24.54 0.43 -10.88
N GLY A 142 -25.70 1.07 -10.87
CA GLY A 142 -26.65 0.86 -9.79
C GLY A 142 -27.63 -0.22 -10.20
N ARG A 143 -28.79 -0.16 -9.59
CA ARG A 143 -29.80 -1.17 -9.75
C ARG A 143 -31.17 -0.58 -10.03
N THR A 144 -32.04 -1.41 -10.57
CA THR A 144 -33.48 -1.14 -10.57
C THR A 144 -34.05 -2.23 -9.66
N ILE A 145 -34.97 -1.83 -8.81
CA ILE A 145 -35.38 -2.65 -7.69
C ILE A 145 -36.91 -2.81 -7.58
N PRO A 146 -37.37 -4.07 -7.49
CA PRO A 146 -38.81 -4.33 -7.39
C PRO A 146 -39.37 -4.11 -5.97
N ILE A 147 -39.36 -2.83 -5.57
CA ILE A 147 -39.89 -2.38 -4.29
C ILE A 147 -41.38 -2.77 -4.11
N ASP A 148 -41.79 -3.00 -2.87
CA ASP A 148 -43.22 -3.18 -2.56
C ASP A 148 -43.96 -1.89 -2.95
N GLY A 149 -45.22 -2.01 -3.35
CA GLY A 149 -46.02 -0.86 -3.69
C GLY A 149 -45.82 -0.30 -5.10
N ASN A 150 -46.62 0.70 -5.45
CA ASN A 150 -46.61 1.31 -6.81
C ASN A 150 -45.60 2.45 -6.95
N PHE A 151 -44.39 2.01 -7.23
CA PHE A 151 -43.23 2.87 -7.22
C PHE A 151 -42.23 2.29 -8.20
N PHE A 152 -41.51 3.20 -8.86
CA PHE A 152 -40.31 2.89 -9.62
C PHE A 152 -39.10 3.28 -8.77
N THR A 153 -38.27 2.29 -8.38
CA THR A 153 -37.09 2.56 -7.55
C THR A 153 -35.78 2.17 -8.26
N TYR A 154 -34.83 3.11 -8.26
CA TYR A 154 -33.53 2.82 -8.80
C TYR A 154 -32.45 3.39 -7.90
N THR A 155 -31.21 2.92 -8.12
CA THR A 155 -30.11 3.44 -7.31
C THR A 155 -29.06 3.99 -8.24
N ARG A 156 -28.41 5.04 -7.75
CA ARG A 156 -27.23 5.63 -8.39
C ARG A 156 -26.07 5.30 -7.50
N HIS A 157 -25.02 4.74 -8.05
CA HIS A 157 -23.75 4.59 -7.32
C HIS A 157 -22.88 5.77 -7.69
N GLU A 158 -23.06 6.86 -6.96
CA GLU A 158 -22.41 8.13 -7.23
C GLU A 158 -20.99 8.10 -6.67
N PRO A 159 -20.12 8.98 -7.20
CA PRO A 159 -18.89 9.23 -6.43
C PRO A 159 -19.22 9.84 -5.06
N ILE A 160 -18.37 9.60 -4.08
CA ILE A 160 -18.58 10.18 -2.74
C ILE A 160 -18.32 11.68 -2.77
N GLY A 161 -17.19 12.09 -3.34
CA GLY A 161 -16.82 13.49 -3.37
C GLY A 161 -15.32 13.68 -3.24
N VAL A 162 -14.92 14.52 -2.31
CA VAL A 162 -13.51 14.86 -2.12
C VAL A 162 -12.93 13.80 -1.16
N CYS A 163 -11.95 13.05 -1.66
CA CYS A 163 -11.33 11.96 -0.94
C CYS A 163 -9.89 12.38 -0.56
N GLY A 164 -9.62 12.42 0.74
CA GLY A 164 -8.26 12.56 1.25
C GLY A 164 -7.54 11.23 1.22
N GLN A 165 -6.33 11.22 0.68
CA GLN A 165 -5.61 9.97 0.45
C GLN A 165 -4.17 10.11 0.91
N ILE A 166 -3.80 9.35 1.93
CA ILE A 166 -2.47 9.40 2.54
C ILE A 166 -1.71 8.14 2.13
N ILE A 167 -0.61 8.36 1.42
CA ILE A 167 0.17 7.33 0.75
C ILE A 167 1.42 6.99 1.60
N PRO A 168 1.74 5.68 1.72
CA PRO A 168 2.92 5.32 2.48
C PRO A 168 4.23 5.47 1.71
N TRP A 169 5.35 5.28 2.41
CA TRP A 169 6.67 5.41 1.82
C TRP A 169 7.21 4.11 1.23
N ASN A 170 6.64 2.96 1.62
CA ASN A 170 7.19 1.69 1.16
C ASN A 170 6.95 1.38 -0.32
N PHE A 171 5.78 1.76 -0.85
CA PHE A 171 5.48 1.64 -2.28
C PHE A 171 4.83 2.94 -2.77
N PRO A 172 5.65 3.97 -3.02
CA PRO A 172 5.02 5.28 -3.25
C PRO A 172 4.20 5.37 -4.51
N LEU A 173 4.72 4.83 -5.60
CA LEU A 173 4.01 4.85 -6.87
C LEU A 173 2.81 3.91 -6.89
N VAL A 174 3.03 2.67 -6.48
CA VAL A 174 1.99 1.66 -6.51
C VAL A 174 0.80 2.05 -5.62
N MET A 175 1.07 2.61 -4.44
CA MET A 175 0.00 2.99 -3.51
C MET A 175 -0.68 4.29 -3.93
N LEU A 176 0.07 5.21 -4.54
CA LEU A 176 -0.56 6.35 -5.22
C LEU A 176 -1.59 5.84 -6.22
N ILE A 177 -1.21 4.87 -7.06
CA ILE A 177 -2.16 4.38 -8.11
C ILE A 177 -3.31 3.53 -7.50
N TRP A 178 -3.02 2.78 -6.45
CA TRP A 178 -4.08 2.04 -5.75
C TRP A 178 -5.18 2.95 -5.22
N LYS A 179 -4.78 4.15 -4.80
CA LYS A 179 -5.70 5.13 -4.27
C LYS A 179 -6.35 5.91 -5.39
N ILE A 180 -5.55 6.56 -6.23
CA ILE A 180 -6.16 7.44 -7.20
C ILE A 180 -6.89 6.73 -8.33
N GLY A 181 -6.47 5.53 -8.72
CA GLY A 181 -7.10 4.79 -9.81
C GLY A 181 -8.59 4.56 -9.57
N PRO A 182 -8.93 3.86 -8.49
CA PRO A 182 -10.36 3.60 -8.16
C PRO A 182 -11.14 4.86 -7.85
N ALA A 183 -10.51 5.80 -7.15
CA ALA A 183 -11.20 7.03 -6.74
C ALA A 183 -11.64 7.82 -7.98
N LEU A 184 -10.73 7.97 -8.92
CA LEU A 184 -11.00 8.71 -10.16
C LEU A 184 -11.92 7.93 -11.09
N SER A 185 -11.74 6.61 -11.13
CA SER A 185 -12.54 5.80 -12.00
C SER A 185 -14.02 6.00 -11.66
N CYS A 186 -14.30 6.12 -10.36
CA CYS A 186 -15.64 6.27 -9.78
C CYS A 186 -16.17 7.69 -9.85
N GLY A 187 -15.30 8.69 -10.14
CA GLY A 187 -15.71 10.05 -10.36
C GLY A 187 -15.46 11.02 -9.23
N ASN A 188 -14.65 10.58 -8.28
CA ASN A 188 -14.27 11.38 -7.13
C ASN A 188 -13.18 12.34 -7.56
N THR A 189 -13.00 13.38 -6.72
CA THR A 189 -11.81 14.22 -6.74
C THR A 189 -10.97 13.92 -5.51
N VAL A 190 -9.67 14.18 -5.60
CA VAL A 190 -8.76 13.76 -4.53
C VAL A 190 -7.78 14.84 -4.11
N VAL A 191 -7.43 14.77 -2.84
CA VAL A 191 -6.36 15.53 -2.24
C VAL A 191 -5.42 14.47 -1.67
N VAL A 192 -4.21 14.39 -2.23
CA VAL A 192 -3.28 13.32 -1.92
C VAL A 192 -2.14 13.85 -1.09
N LYS A 193 -1.72 13.06 -0.09
CA LYS A 193 -0.62 13.43 0.80
C LYS A 193 0.42 12.33 0.71
N PRO A 194 1.43 12.52 -0.17
CA PRO A 194 2.45 11.49 -0.27
C PRO A 194 3.30 11.47 1.00
N ALA A 195 3.97 10.36 1.26
CA ALA A 195 4.79 10.24 2.46
C ALA A 195 5.88 11.30 2.47
N GLU A 196 6.17 11.83 3.64
CA GLU A 196 7.22 12.86 3.81
C GLU A 196 8.57 12.40 3.29
N GLN A 197 8.84 11.11 3.45
CA GLN A 197 10.09 10.52 3.01
C GLN A 197 10.15 10.45 1.47
N THR A 198 9.00 10.24 0.83
CA THR A 198 8.93 9.93 -0.60
C THR A 198 7.89 10.77 -1.36
N PRO A 199 8.10 12.09 -1.48
CA PRO A 199 7.12 12.87 -2.23
C PRO A 199 7.32 12.88 -3.73
N LEU A 200 8.52 12.50 -4.17
CA LEU A 200 8.97 12.87 -5.51
C LEU A 200 8.23 12.24 -6.67
N THR A 201 7.98 10.92 -6.61
CA THR A 201 7.39 10.30 -7.78
C THR A 201 5.92 10.73 -7.96
N ALA A 202 5.26 11.09 -6.86
CA ALA A 202 3.87 11.59 -6.90
C ALA A 202 3.82 12.92 -7.63
N LEU A 203 4.82 13.76 -7.37
CA LEU A 203 4.86 15.05 -8.01
C LEU A 203 5.13 14.88 -9.50
N HIS A 204 5.95 13.92 -9.89
CA HIS A 204 6.10 13.65 -11.30
C HIS A 204 4.78 13.17 -11.93
N VAL A 205 4.10 12.24 -11.27
CA VAL A 205 2.83 11.73 -11.78
C VAL A 205 1.84 12.89 -11.97
N ALA A 206 1.85 13.82 -11.02
CA ALA A 206 0.99 15.02 -11.13
C ALA A 206 1.25 15.80 -12.42
N SER A 207 2.53 16.00 -12.76
CA SER A 207 2.86 16.60 -14.05
C SER A 207 2.24 15.81 -15.18
N LEU A 208 2.15 14.49 -15.03
CA LEU A 208 1.54 13.64 -16.05
C LEU A 208 -0.01 13.65 -16.05
N ILE A 209 -0.61 13.87 -14.89
CA ILE A 209 -2.07 14.10 -14.80
C ILE A 209 -2.48 15.41 -15.52
N LYS A 210 -1.67 16.44 -15.39
CA LYS A 210 -1.88 17.67 -16.15
C LYS A 210 -1.75 17.43 -17.65
N GLU A 211 -0.67 16.77 -18.05
CA GLU A 211 -0.42 16.41 -19.47
C GLU A 211 -1.53 15.59 -20.12
N ALA A 212 -2.11 14.68 -19.35
CA ALA A 212 -3.16 13.78 -19.84
C ALA A 212 -4.49 14.52 -20.04
N GLY A 213 -4.64 15.65 -19.36
CA GLY A 213 -5.79 16.50 -19.55
C GLY A 213 -6.90 16.30 -18.53
N PHE A 214 -6.58 15.78 -17.34
CA PHE A 214 -7.64 15.72 -16.32
C PHE A 214 -8.04 17.16 -16.06
N PRO A 215 -9.33 17.40 -15.75
CA PRO A 215 -9.71 18.76 -15.43
C PRO A 215 -9.01 19.22 -14.17
N PRO A 216 -8.70 20.52 -14.09
CA PRO A 216 -8.06 21.08 -12.90
C PRO A 216 -8.88 20.84 -11.64
N GLY A 217 -8.20 20.44 -10.58
CA GLY A 217 -8.84 20.23 -9.28
C GLY A 217 -9.26 18.82 -9.04
N VAL A 218 -9.29 18.01 -10.10
CA VAL A 218 -9.62 16.57 -9.95
C VAL A 218 -8.54 15.82 -9.15
N VAL A 219 -7.27 16.14 -9.36
CA VAL A 219 -6.19 15.61 -8.54
C VAL A 219 -5.30 16.74 -8.07
N ASN A 220 -5.11 16.77 -6.76
CA ASN A 220 -4.26 17.75 -6.11
C ASN A 220 -3.30 16.98 -5.22
N ILE A 221 -2.02 17.35 -5.22
CA ILE A 221 -1.03 16.64 -4.42
C ILE A 221 -0.37 17.62 -3.47
N VAL A 222 -0.40 17.30 -2.17
CA VAL A 222 0.16 18.19 -1.14
C VAL A 222 1.20 17.45 -0.29
N PRO A 223 2.50 17.62 -0.63
CA PRO A 223 3.51 16.99 0.20
C PRO A 223 3.65 17.67 1.53
N GLY A 224 4.32 16.98 2.45
CA GLY A 224 4.60 17.49 3.78
C GLY A 224 4.52 16.37 4.80
N TYR A 225 4.32 16.75 6.06
CA TYR A 225 4.38 15.80 7.18
C TYR A 225 3.02 15.21 7.55
N GLY A 226 3.06 14.08 8.24
CA GLY A 226 1.83 13.40 8.69
C GLY A 226 1.12 14.14 9.81
N PRO A 227 1.87 14.55 10.86
CA PRO A 227 1.25 15.26 11.99
C PRO A 227 0.71 16.66 11.63
N THR A 228 1.06 17.16 10.44
CA THR A 228 0.65 18.48 10.00
C THR A 228 -0.38 18.38 8.85
N ALA A 229 0.08 18.04 7.65
CA ALA A 229 -0.81 17.94 6.50
C ALA A 229 -1.75 16.72 6.58
N GLY A 230 -1.26 15.63 7.19
CA GLY A 230 -2.05 14.43 7.37
C GLY A 230 -3.23 14.65 8.30
N ALA A 231 -2.95 15.27 9.45
CA ALA A 231 -3.97 15.55 10.45
C ALA A 231 -4.99 16.56 9.93
N ALA A 232 -4.53 17.50 9.13
CA ALA A 232 -5.42 18.47 8.48
C ALA A 232 -6.44 17.75 7.60
N ILE A 233 -5.97 16.83 6.76
CA ILE A 233 -6.85 15.98 5.95
C ILE A 233 -7.82 15.16 6.80
N SER A 234 -7.31 14.51 7.84
CA SER A 234 -8.11 13.56 8.61
C SER A 234 -9.21 14.25 9.42
N SER A 235 -8.99 15.52 9.78
CA SER A 235 -9.94 16.30 10.57
C SER A 235 -10.75 17.32 9.76
N HIS A 236 -10.52 17.41 8.45
CA HIS A 236 -11.12 18.44 7.61
C HIS A 236 -12.65 18.30 7.51
N MET A 237 -13.36 19.41 7.68
CA MET A 237 -14.82 19.40 7.71
C MET A 237 -15.54 19.27 6.35
N ASP A 238 -14.81 19.47 5.26
CA ASP A 238 -15.35 19.30 3.91
C ASP A 238 -14.64 18.22 3.06
N ILE A 239 -14.00 17.26 3.71
CA ILE A 239 -13.48 16.09 3.04
C ILE A 239 -14.44 14.93 3.39
N ASP A 240 -14.93 14.27 2.35
CA ASP A 240 -15.97 13.26 2.51
C ASP A 240 -15.43 11.90 2.95
N LYS A 241 -14.22 11.56 2.51
CA LYS A 241 -13.62 10.28 2.84
C LYS A 241 -12.11 10.40 3.04
N VAL A 242 -11.55 9.63 3.97
CA VAL A 242 -10.08 9.49 4.09
C VAL A 242 -9.66 8.01 3.81
N ALA A 243 -8.64 7.85 2.98
CA ALA A 243 -7.98 6.56 2.75
C ALA A 243 -6.54 6.69 3.23
N PHE A 244 -6.09 5.72 4.00
CA PHE A 244 -4.77 5.74 4.61
C PHE A 244 -4.19 4.34 4.56
N THR A 245 -2.90 4.27 4.25
CA THR A 245 -2.13 3.06 4.43
C THR A 245 -0.91 3.37 5.28
N GLY A 246 -0.69 2.57 6.32
CA GLY A 246 0.43 2.82 7.21
C GLY A 246 0.36 2.02 8.47
N SER A 247 0.87 2.59 9.55
CA SER A 247 0.90 1.90 10.83
C SER A 247 -0.51 1.82 11.39
N THR A 248 -0.76 0.76 12.15
CA THR A 248 -2.00 0.57 12.90
C THR A 248 -2.18 1.70 13.94
N GLU A 249 -1.08 2.20 14.48
CA GLU A 249 -1.13 3.26 15.51
C GLU A 249 -1.71 4.56 14.96
N VAL A 250 -1.21 4.98 13.81
CA VAL A 250 -1.68 6.19 13.14
C VAL A 250 -3.09 5.97 12.58
N GLY A 251 -3.32 4.75 12.08
CA GLY A 251 -4.66 4.31 11.68
C GLY A 251 -5.74 4.63 12.70
N LYS A 252 -5.46 4.38 13.99
CA LYS A 252 -6.40 4.67 15.07
C LYS A 252 -6.67 6.16 15.23
N LEU A 253 -5.63 6.97 15.07
CA LEU A 253 -5.75 8.42 15.16
C LEU A 253 -6.66 8.98 14.06
N ILE A 254 -6.52 8.45 12.86
CA ILE A 254 -7.31 8.93 11.73
C ILE A 254 -8.80 8.68 11.94
N LYS A 255 -9.11 7.47 12.37
CA LYS A 255 -10.50 7.07 12.61
C LYS A 255 -11.11 7.88 13.74
N GLU A 256 -10.32 8.14 14.77
CA GLU A 256 -10.72 9.02 15.85
C GLU A 256 -11.02 10.43 15.32
N ALA A 257 -10.07 11.00 14.57
CA ALA A 257 -10.19 12.35 14.02
C ALA A 257 -11.38 12.51 13.07
N ALA A 258 -11.67 11.47 12.29
CA ALA A 258 -12.83 11.47 11.39
C ALA A 258 -14.14 11.52 12.17
N GLY A 259 -14.23 10.70 13.21
CA GLY A 259 -15.37 10.71 14.12
C GLY A 259 -15.59 12.05 14.80
N LYS A 260 -14.54 12.62 15.38
CA LYS A 260 -14.64 13.91 16.05
C LYS A 260 -14.94 15.10 15.11
N SER A 261 -14.54 15.01 13.84
CA SER A 261 -14.74 16.11 12.89
C SER A 261 -16.11 16.07 12.17
N ASN A 262 -16.20 15.35 11.05
CA ASN A 262 -17.40 15.38 10.21
C ASN A 262 -17.93 13.99 9.81
N LEU A 263 -17.58 12.97 10.57
CA LEU A 263 -17.95 11.60 10.25
C LEU A 263 -17.63 11.21 8.80
N LYS A 264 -16.49 11.67 8.30
CA LYS A 264 -16.03 11.31 6.95
C LYS A 264 -15.83 9.81 6.89
N ARG A 265 -16.03 9.21 5.72
CA ARG A 265 -15.81 7.76 5.56
C ARG A 265 -14.31 7.45 5.71
N VAL A 266 -14.00 6.27 6.25
CA VAL A 266 -12.62 5.93 6.51
C VAL A 266 -12.31 4.53 5.94
N THR A 267 -11.25 4.40 5.14
CA THR A 267 -10.69 3.08 4.84
C THR A 267 -9.24 3.07 5.24
N LEU A 268 -8.83 2.00 5.89
CA LEU A 268 -7.49 1.89 6.43
C LEU A 268 -6.87 0.58 5.94
N GLU A 269 -5.60 0.64 5.51
CA GLU A 269 -4.82 -0.56 5.27
C GLU A 269 -3.58 -0.42 6.14
N LEU A 270 -3.48 -1.29 7.14
CA LEU A 270 -2.54 -1.06 8.22
C LEU A 270 -1.49 -2.17 8.24
N GLY A 271 -0.80 -2.37 9.34
CA GLY A 271 0.23 -3.40 9.38
C GLY A 271 -0.26 -4.85 9.42
N GLY A 272 0.66 -5.74 9.68
CA GLY A 272 0.32 -7.10 9.95
C GLY A 272 1.41 -7.80 10.71
N LYS A 273 1.07 -8.99 11.19
CA LYS A 273 2.03 -9.94 11.69
C LYS A 273 1.61 -11.26 11.08
N SER A 274 1.79 -11.34 9.77
CA SER A 274 1.15 -12.37 8.95
C SER A 274 1.81 -13.71 9.10
N PRO A 275 1.01 -14.77 9.29
CA PRO A 275 1.63 -16.07 9.53
C PRO A 275 1.58 -16.99 8.31
N CYS A 276 2.57 -17.88 8.22
CA CYS A 276 2.52 -19.00 7.33
C CYS A 276 2.48 -20.28 8.11
N ILE A 277 1.69 -21.23 7.63
CA ILE A 277 1.62 -22.57 8.20
C ILE A 277 2.11 -23.53 7.14
N VAL A 278 3.22 -24.23 7.44
CA VAL A 278 3.84 -25.15 6.51
C VAL A 278 3.64 -26.60 6.99
N LEU A 279 2.79 -27.35 6.31
CA LEU A 279 2.52 -28.73 6.68
C LEU A 279 3.65 -29.67 6.25
N ALA A 280 3.76 -30.79 6.94
CA ALA A 280 4.87 -31.70 6.69
C ALA A 280 4.82 -32.27 5.26
N ASP A 281 3.65 -32.20 4.64
CA ASP A 281 3.48 -32.75 3.29
C ASP A 281 3.77 -31.73 2.21
N ALA A 282 4.15 -30.52 2.60
CA ALA A 282 4.33 -29.44 1.64
C ALA A 282 5.53 -29.68 0.72
N ASP A 283 5.49 -29.04 -0.45
CA ASP A 283 6.69 -28.90 -1.28
C ASP A 283 7.68 -28.03 -0.52
N LEU A 284 8.72 -28.65 0.04
CA LEU A 284 9.63 -27.95 0.96
C LEU A 284 10.37 -26.77 0.34
N ASP A 285 11.02 -27.02 -0.80
CA ASP A 285 11.73 -25.97 -1.53
C ASP A 285 10.80 -24.81 -1.87
N ASN A 286 9.59 -25.12 -2.33
CA ASN A 286 8.64 -24.09 -2.68
C ASN A 286 8.22 -23.22 -1.48
N ALA A 287 7.96 -23.86 -0.35
CA ALA A 287 7.59 -23.14 0.86
C ALA A 287 8.73 -22.28 1.39
N VAL A 288 9.96 -22.80 1.35
CA VAL A 288 11.13 -22.03 1.76
C VAL A 288 11.31 -20.78 0.92
N GLU A 289 11.14 -20.95 -0.39
CA GLU A 289 11.40 -19.86 -1.31
C GLU A 289 10.34 -18.75 -1.12
N PHE A 290 9.07 -19.13 -1.04
CA PHE A 290 7.99 -18.16 -0.90
C PHE A 290 7.96 -17.51 0.49
N ALA A 291 8.14 -18.30 1.53
CA ALA A 291 8.23 -17.76 2.88
C ALA A 291 9.41 -16.80 3.03
N HIS A 292 10.54 -17.14 2.42
CA HIS A 292 11.72 -16.26 2.41
C HIS A 292 11.47 -14.91 1.76
N HIS A 293 11.08 -14.94 0.49
CA HIS A 293 10.77 -13.70 -0.24
C HIS A 293 9.57 -13.00 0.38
N GLY A 294 8.65 -13.78 0.93
CA GLY A 294 7.50 -13.30 1.70
C GLY A 294 7.82 -12.39 2.87
N VAL A 295 8.93 -12.62 3.57
CA VAL A 295 9.33 -11.79 4.70
C VAL A 295 10.45 -10.77 4.39
N PHE A 296 11.22 -11.01 3.34
CA PHE A 296 12.38 -10.20 3.03
C PHE A 296 12.14 -9.18 1.91
N TYR A 297 11.03 -9.30 1.21
CA TYR A 297 10.75 -8.40 0.09
C TYR A 297 10.85 -6.92 0.52
N HIS A 298 11.49 -6.13 -0.33
CA HIS A 298 11.71 -4.69 -0.10
C HIS A 298 12.23 -4.43 1.34
N GLN A 299 13.29 -5.17 1.71
CA GLN A 299 13.96 -4.99 2.99
C GLN A 299 12.99 -5.23 4.15
N GLY A 300 12.07 -6.17 3.94
CA GLY A 300 11.04 -6.49 4.93
C GLY A 300 9.98 -5.43 5.14
N GLN A 301 9.90 -4.46 4.25
CA GLN A 301 9.08 -3.29 4.50
C GLN A 301 7.74 -3.42 3.80
N CYS A 302 7.12 -4.60 3.91
CA CYS A 302 5.76 -4.79 3.42
C CYS A 302 4.81 -5.08 4.56
N ILE A 304 2.36 -6.97 4.45
CA ILE A 304 2.09 -8.42 4.41
C ILE A 304 3.29 -9.31 4.75
N ALA A 305 4.40 -8.71 5.17
CA ALA A 305 5.56 -9.50 5.63
C ALA A 305 5.14 -10.80 6.33
N ALA A 306 5.62 -11.94 5.82
CA ALA A 306 5.36 -13.28 6.39
C ALA A 306 6.24 -13.50 7.61
N SER A 307 5.89 -12.78 8.66
CA SER A 307 6.78 -12.53 9.77
C SER A 307 6.61 -13.55 10.89
N ARG A 308 5.73 -14.52 10.70
CA ARG A 308 5.70 -15.69 11.58
C ARG A 308 5.51 -16.96 10.75
N ILE A 309 6.56 -17.76 10.64
CA ILE A 309 6.50 -18.97 9.84
C ILE A 309 6.43 -20.22 10.72
N PHE A 310 5.27 -20.87 10.72
CA PHE A 310 5.05 -22.06 11.57
C PHE A 310 5.31 -23.33 10.77
N VAL A 311 6.28 -24.14 11.17
CA VAL A 311 6.63 -25.30 10.38
C VAL A 311 6.48 -26.59 11.17
N GLU A 312 5.84 -27.59 10.57
CA GLU A 312 5.55 -28.81 11.30
C GLU A 312 6.89 -29.39 11.75
N GLU A 313 6.89 -29.95 12.95
CA GLU A 313 8.11 -30.41 13.61
C GLU A 313 9.05 -31.27 12.78
N SER A 314 8.51 -32.23 12.03
CA SER A 314 9.32 -33.23 11.36
C SER A 314 10.10 -32.68 10.15
N ILE A 315 9.78 -31.46 9.73
CA ILE A 315 10.51 -30.80 8.64
C ILE A 315 11.10 -29.46 9.07
N TYR A 316 10.94 -29.12 10.35
CA TYR A 316 11.33 -27.83 10.91
C TYR A 316 12.84 -27.57 10.79
N ASP A 317 13.65 -28.54 11.21
CA ASP A 317 15.11 -28.41 11.14
C ASP A 317 15.55 -28.16 9.70
N GLU A 318 15.09 -29.01 8.79
CA GLU A 318 15.40 -28.88 7.37
C GLU A 318 14.90 -27.59 6.74
N PHE A 319 13.76 -27.09 7.21
CA PHE A 319 13.22 -25.83 6.74
C PHE A 319 14.11 -24.66 7.17
N VAL A 320 14.53 -24.70 8.43
CA VAL A 320 15.36 -23.63 8.99
C VAL A 320 16.68 -23.58 8.25
N ARG A 321 17.31 -24.73 8.07
CA ARG A 321 18.61 -24.83 7.40
C ARG A 321 18.56 -24.16 6.02
N ARG A 322 17.61 -24.62 5.21
CA ARG A 322 17.44 -24.13 3.83
C ARG A 322 17.14 -22.64 3.84
N SER A 323 16.36 -22.21 4.83
CA SER A 323 16.05 -20.79 4.99
C SER A 323 17.33 -19.99 5.24
N VAL A 324 18.07 -20.38 6.28
CA VAL A 324 19.30 -19.64 6.60
C VAL A 324 20.20 -19.54 5.36
N GLU A 325 20.35 -20.64 4.63
CA GLU A 325 21.18 -20.66 3.42
C GLU A 325 20.73 -19.58 2.44
N ARG A 326 19.43 -19.49 2.18
CA ARG A 326 18.92 -18.50 1.26
C ARG A 326 19.18 -17.05 1.74
N ALA A 327 19.03 -16.83 3.04
CA ALA A 327 19.22 -15.51 3.66
C ALA A 327 20.69 -15.06 3.61
N LYS A 328 21.61 -16.01 3.53
CA LYS A 328 23.05 -15.71 3.51
C LYS A 328 23.57 -15.36 2.10
N LYS A 329 22.68 -15.24 1.11
CA LYS A 329 23.09 -15.00 -0.28
C LYS A 329 22.99 -13.56 -0.75
N TYR A 330 22.59 -12.64 0.13
CA TYR A 330 22.35 -11.28 -0.28
C TYR A 330 23.60 -10.46 -0.45
N ILE A 331 23.46 -9.45 -1.30
CA ILE A 331 24.50 -8.48 -1.54
C ILE A 331 23.92 -7.10 -1.25
N LEU A 332 24.44 -6.47 -0.20
CA LEU A 332 23.93 -5.18 0.25
C LEU A 332 24.67 -4.05 -0.46
N GLY A 333 23.95 -2.97 -0.74
CA GLY A 333 24.51 -1.88 -1.51
C GLY A 333 23.52 -0.88 -2.05
N ASN A 334 24.01 -0.03 -2.95
CA ASN A 334 23.19 0.97 -3.57
C ASN A 334 22.14 0.25 -4.44
N PRO A 335 20.83 0.50 -4.21
CA PRO A 335 19.75 -0.03 -5.05
C PRO A 335 19.97 0.07 -6.56
N LEU A 336 20.65 1.14 -6.96
CA LEU A 336 20.87 1.43 -8.36
C LEU A 336 21.96 0.57 -9.03
N THR A 337 22.90 0.04 -8.25
CA THR A 337 23.99 -0.76 -8.81
C THR A 337 23.55 -2.16 -9.23
N PRO A 338 23.83 -2.56 -10.49
CA PRO A 338 23.35 -3.91 -10.87
C PRO A 338 24.05 -5.01 -10.07
N GLY A 339 23.35 -6.11 -9.80
CA GLY A 339 23.88 -7.19 -8.95
C GLY A 339 23.51 -7.08 -7.48
N VAL A 340 23.37 -5.84 -6.98
CA VAL A 340 22.94 -5.58 -5.59
C VAL A 340 21.54 -6.15 -5.35
N THR A 341 21.37 -6.91 -4.26
CA THR A 341 20.11 -7.64 -3.97
C THR A 341 19.40 -7.24 -2.65
N GLN A 342 19.93 -6.24 -1.95
CA GLN A 342 19.28 -5.68 -0.76
C GLN A 342 19.71 -4.23 -0.53
N GLY A 343 18.73 -3.35 -0.55
CA GLY A 343 18.91 -1.92 -0.27
C GLY A 343 18.79 -1.59 1.21
N PRO A 344 18.76 -0.28 1.51
CA PRO A 344 18.64 0.18 2.89
C PRO A 344 17.20 0.24 3.39
N GLN A 345 17.03 0.29 4.71
CA GLN A 345 15.75 0.69 5.30
C GLN A 345 15.50 2.15 4.95
N ILE A 346 14.25 2.58 5.07
CA ILE A 346 13.84 3.88 4.58
C ILE A 346 14.42 5.07 5.35
N ASP A 347 14.57 4.94 6.67
CA ASP A 347 15.05 6.07 7.47
C ASP A 347 15.45 5.66 8.89
N LYS A 348 15.88 6.65 9.66
CA LYS A 348 16.42 6.44 11.01
C LYS A 348 15.41 5.88 11.99
N GLU A 349 14.19 6.43 12.01
CA GLU A 349 13.13 6.02 12.93
C GLU A 349 12.91 4.52 12.76
N GLN A 350 12.71 4.12 11.52
CA GLN A 350 12.54 2.71 11.16
C GLN A 350 13.73 1.84 11.49
N TYR A 351 14.90 2.29 11.04
CA TYR A 351 16.19 1.64 11.33
C TYR A 351 16.33 1.33 12.81
N ASP A 352 16.02 2.32 13.64
CA ASP A 352 16.16 2.16 15.09
C ASP A 352 15.20 1.13 15.67
N LYS A 353 13.93 1.18 15.27
CA LYS A 353 12.92 0.26 15.81
C LYS A 353 13.29 -1.20 15.49
N ILE A 354 13.82 -1.41 14.29
CA ILE A 354 14.25 -2.74 13.79
C ILE A 354 15.44 -3.29 14.58
N LEU A 355 16.43 -2.44 14.85
CA LEU A 355 17.58 -2.88 15.62
C LEU A 355 17.17 -3.18 17.07
N ASP A 356 16.30 -2.34 17.61
CA ASP A 356 15.79 -2.52 18.95
C ASP A 356 14.99 -3.82 19.07
N LEU A 357 14.22 -4.16 18.02
CA LEU A 357 13.47 -5.43 17.97
C LEU A 357 14.37 -6.66 17.81
N ILE A 358 15.40 -6.54 16.99
CA ILE A 358 16.43 -7.56 16.84
C ILE A 358 17.12 -7.82 18.17
N GLU A 359 17.29 -6.76 18.95
CA GLU A 359 17.91 -6.89 20.27
C GLU A 359 17.07 -7.63 21.31
N SER A 360 15.75 -7.47 21.24
CA SER A 360 14.85 -8.23 22.09
C SER A 360 14.89 -9.70 21.72
N GLY A 361 14.97 -9.97 20.41
CA GLY A 361 15.06 -11.35 19.93
C GLY A 361 16.13 -12.11 20.69
N LYS A 362 17.30 -11.49 20.79
CA LYS A 362 18.43 -12.09 21.50
C LYS A 362 18.15 -12.20 23.00
N LYS A 363 17.82 -11.08 23.64
CA LYS A 363 17.60 -11.05 25.09
C LYS A 363 16.53 -12.05 25.51
N GLU A 364 15.41 -12.03 24.79
CA GLU A 364 14.31 -12.93 25.07
C GLU A 364 14.62 -14.37 24.69
N GLY A 365 15.68 -14.56 23.91
CA GLY A 365 16.30 -15.87 23.79
C GLY A 365 15.87 -16.70 22.60
N ALA A 366 15.71 -16.06 21.44
CA ALA A 366 15.54 -16.80 20.18
C ALA A 366 16.91 -17.28 19.73
N LYS A 367 16.94 -18.24 18.81
CA LYS A 367 18.20 -18.73 18.24
C LYS A 367 18.56 -17.93 16.99
N LEU A 368 19.61 -17.13 17.08
CA LEU A 368 20.03 -16.26 15.98
C LEU A 368 20.84 -17.08 14.98
N GLU A 369 20.28 -17.27 13.79
CA GLU A 369 20.90 -18.12 12.78
C GLU A 369 21.83 -17.38 11.85
N CYS A 370 21.54 -16.10 11.60
CA CYS A 370 22.43 -15.24 10.83
C CYS A 370 21.97 -13.79 10.99
N GLY A 371 22.84 -12.85 10.64
CA GLY A 371 22.52 -11.43 10.75
C GLY A 371 22.52 -10.97 12.20
N GLY A 372 21.71 -9.97 12.50
CA GLY A 372 21.57 -9.47 13.88
C GLY A 372 22.24 -8.14 14.21
N GLY A 373 22.72 -7.42 13.19
CA GLY A 373 23.27 -6.07 13.37
C GLY A 373 23.19 -5.21 12.12
N PRO A 374 23.69 -3.97 12.21
CA PRO A 374 23.74 -3.04 11.07
C PRO A 374 24.76 -3.45 10.01
N TRP A 375 24.84 -2.70 8.92
CA TRP A 375 25.83 -2.94 7.87
C TRP A 375 26.22 -1.65 7.19
N GLY A 376 27.48 -1.54 6.77
CA GLY A 376 27.97 -0.37 6.03
C GLY A 376 28.35 0.80 6.92
N ASN A 377 28.80 1.89 6.32
CA ASN A 377 29.16 3.14 7.03
C ASN A 377 28.12 4.24 6.90
N LYS A 378 27.47 4.30 5.74
CA LYS A 378 26.36 5.21 5.49
C LYS A 378 25.17 4.36 5.01
N GLY A 379 23.97 4.91 5.17
CA GLY A 379 22.74 4.27 4.71
C GLY A 379 22.13 3.48 5.83
N TYR A 380 20.82 3.26 5.80
CA TYR A 380 20.17 2.60 6.92
C TYR A 380 20.08 1.10 6.68
N PHE A 381 21.23 0.46 6.49
CA PHE A 381 21.33 -0.96 6.14
C PHE A 381 21.33 -1.87 7.37
N VAL A 382 20.42 -2.85 7.35
CA VAL A 382 20.36 -3.89 8.37
C VAL A 382 20.70 -5.24 7.75
N GLN A 383 21.55 -6.01 8.41
CA GLN A 383 21.87 -7.35 7.92
C GLN A 383 20.58 -8.18 7.91
N PRO A 384 20.37 -9.00 6.85
CA PRO A 384 19.24 -9.92 6.86
C PRO A 384 19.32 -10.92 8.03
N THR A 385 18.26 -10.98 8.81
CA THR A 385 18.33 -11.71 10.07
C THR A 385 17.29 -12.83 10.15
N VAL A 386 17.73 -13.95 10.70
CA VAL A 386 16.88 -15.13 10.87
C VAL A 386 16.95 -15.65 12.30
N PHE A 387 15.79 -15.71 12.95
CA PHE A 387 15.64 -16.25 14.29
C PHE A 387 14.85 -17.53 14.19
N SER A 388 15.39 -18.60 14.76
CA SER A 388 14.63 -19.82 14.92
C SER A 388 14.34 -20.05 16.40
N ASN A 389 13.55 -21.08 16.68
CA ASN A 389 13.04 -21.34 18.01
C ASN A 389 12.31 -20.15 18.64
N VAL A 390 11.65 -19.34 17.82
CA VAL A 390 10.89 -18.20 18.35
C VAL A 390 9.63 -18.75 19.02
N THR A 391 9.21 -18.10 20.10
CA THR A 391 7.96 -18.43 20.78
C THR A 391 7.05 -17.24 20.78
N ASP A 392 5.80 -17.45 21.19
CA ASP A 392 4.69 -16.53 20.90
C ASP A 392 4.63 -15.26 21.73
N GLU A 393 5.24 -15.28 22.91
CA GLU A 393 5.24 -14.09 23.78
C GLU A 393 6.42 -13.15 23.50
N MET A 394 7.28 -13.54 22.57
CA MET A 394 8.42 -12.72 22.23
C MET A 394 7.98 -11.51 21.46
N ARG A 395 8.71 -10.41 21.65
CA ARG A 395 8.40 -9.18 20.96
C ARG A 395 8.41 -9.40 19.46
N ILE A 396 9.47 -10.03 18.97
CA ILE A 396 9.60 -10.30 17.52
C ILE A 396 8.48 -11.16 16.93
N ALA A 397 7.75 -11.88 17.79
CA ALA A 397 6.60 -12.70 17.39
C ALA A 397 5.29 -11.94 17.52
N LYS A 398 5.25 -10.87 18.32
CA LYS A 398 4.06 -10.04 18.43
C LYS A 398 4.13 -8.74 17.61
N GLU A 399 5.28 -8.08 17.57
CA GLU A 399 5.36 -6.74 16.96
C GLU A 399 5.81 -6.75 15.52
N GLU A 400 5.10 -5.98 14.70
CA GLU A 400 5.51 -5.76 13.32
C GLU A 400 6.89 -5.08 13.31
N ILE A 401 7.87 -5.75 12.72
CA ILE A 401 9.25 -5.24 12.67
C ILE A 401 9.42 -4.27 11.50
N PHE A 402 8.87 -4.64 10.34
CA PHE A 402 9.02 -3.84 9.12
C PHE A 402 10.51 -3.75 8.73
N GLY A 403 11.22 -4.85 8.98
CA GLY A 403 12.66 -4.95 8.74
C GLY A 403 13.02 -6.32 8.22
N PRO A 404 14.27 -6.50 7.76
CA PRO A 404 14.63 -7.79 7.18
C PRO A 404 14.92 -8.84 8.27
N VAL A 405 13.85 -9.34 8.90
CA VAL A 405 14.01 -10.20 10.08
C VAL A 405 12.94 -11.30 10.04
N GLN A 406 13.39 -12.53 9.84
CA GLN A 406 12.49 -13.68 9.72
C GLN A 406 12.40 -14.41 11.06
N GLN A 407 11.18 -14.78 11.45
CA GLN A 407 10.92 -15.62 12.64
C GLN A 407 10.43 -16.99 12.19
N ILE A 408 11.07 -18.06 12.68
CA ILE A 408 10.62 -19.43 12.36
C ILE A 408 10.30 -20.22 13.63
N MET A 409 9.07 -20.75 13.72
CA MET A 409 8.61 -21.55 14.88
C MET A 409 8.21 -22.95 14.47
N LYS A 410 8.09 -23.85 15.45
CA LYS A 410 7.66 -25.23 15.20
C LYS A 410 6.26 -25.48 15.77
N PHE A 411 5.56 -26.45 15.20
CA PHE A 411 4.27 -26.85 15.72
C PHE A 411 4.15 -28.33 15.47
N LYS A 412 3.36 -29.00 16.31
CA LYS A 412 3.02 -30.40 16.13
C LYS A 412 1.52 -30.56 15.85
N SER A 413 0.69 -29.70 16.43
CA SER A 413 -0.78 -29.80 16.30
C SER A 413 -1.38 -28.75 15.38
N LEU A 414 -2.06 -29.21 14.34
CA LEU A 414 -2.75 -28.29 13.44
C LEU A 414 -3.81 -27.45 14.17
N ASP A 415 -4.69 -28.05 14.98
CA ASP A 415 -5.66 -27.26 15.75
C ASP A 415 -4.97 -26.08 16.45
N ASP A 416 -3.91 -26.40 17.16
CA ASP A 416 -3.22 -25.41 17.99
C ASP A 416 -2.51 -24.32 17.17
N VAL A 417 -1.88 -24.68 16.04
CA VAL A 417 -1.12 -23.71 15.26
C VAL A 417 -2.03 -22.68 14.59
N ILE A 418 -3.22 -23.11 14.23
CA ILE A 418 -4.22 -22.20 13.70
C ILE A 418 -4.64 -21.19 14.76
N LYS A 419 -4.81 -21.65 16.02
CA LYS A 419 -5.17 -20.75 17.11
C LYS A 419 -4.01 -19.78 17.30
N ARG A 420 -2.77 -20.26 17.23
CA ARG A 420 -1.61 -19.38 17.37
C ARG A 420 -1.55 -18.42 16.20
N ALA A 421 -1.81 -18.92 14.99
CA ALA A 421 -1.79 -18.07 13.79
C ALA A 421 -2.81 -16.92 13.92
N ASN A 422 -3.96 -17.24 14.52
CA ASN A 422 -5.06 -16.28 14.69
C ASN A 422 -4.97 -15.46 15.96
N ASN A 423 -3.97 -15.73 16.80
CA ASN A 423 -3.90 -15.07 18.08
C ASN A 423 -3.10 -13.78 18.05
N THR A 424 -3.64 -12.78 17.37
CA THR A 424 -2.99 -11.49 17.14
C THR A 424 -4.14 -10.50 16.85
N PHE A 425 -3.91 -9.21 17.07
CA PHE A 425 -4.88 -8.21 16.68
C PHE A 425 -4.81 -7.91 15.18
N TYR A 426 -3.74 -8.34 14.53
CA TYR A 426 -3.57 -8.15 13.09
C TYR A 426 -4.34 -9.22 12.31
N GLY A 427 -4.36 -9.07 10.99
CA GLY A 427 -5.02 -10.08 10.15
C GLY A 427 -5.03 -9.74 8.68
N LEU A 428 -3.90 -9.23 8.18
CA LEU A 428 -3.80 -8.77 6.80
C LEU A 428 -3.70 -9.94 5.78
N SER A 429 -2.87 -10.91 6.09
CA SER A 429 -2.62 -12.01 5.16
C SER A 429 -2.07 -13.25 5.84
N ALA A 430 -2.06 -14.38 5.14
CA ALA A 430 -1.46 -15.62 5.62
C ALA A 430 -1.12 -16.55 4.46
N GLY A 431 -0.27 -17.52 4.74
CA GLY A 431 0.09 -18.55 3.79
C GLY A 431 -0.09 -19.93 4.35
N VAL A 432 -0.46 -20.88 3.47
CA VAL A 432 -0.71 -22.26 3.83
C VAL A 432 0.05 -23.08 2.80
N PHE A 433 0.97 -23.91 3.25
CA PHE A 433 1.71 -24.78 2.33
C PHE A 433 1.41 -26.23 2.60
N THR A 434 0.76 -26.88 1.63
CA THR A 434 0.36 -28.28 1.74
C THR A 434 -0.05 -28.81 0.37
N LYS A 435 -0.06 -30.14 0.23
CA LYS A 435 -0.51 -30.79 -1.01
C LYS A 435 -1.90 -31.39 -0.86
N ASP A 436 -2.48 -31.25 0.34
CA ASP A 436 -3.74 -31.88 0.70
C ASP A 436 -4.87 -30.91 0.39
N ILE A 437 -5.78 -31.32 -0.47
CA ILE A 437 -6.89 -30.49 -0.92
C ILE A 437 -7.73 -30.04 0.25
N ASP A 438 -8.14 -31.00 1.07
CA ASP A 438 -9.03 -30.67 2.19
C ASP A 438 -8.37 -29.67 3.15
N LYS A 439 -7.08 -29.86 3.41
CA LYS A 439 -6.39 -28.98 4.35
C LYS A 439 -6.27 -27.57 3.77
N ALA A 440 -5.94 -27.48 2.49
CA ALA A 440 -5.87 -26.19 1.84
C ALA A 440 -7.15 -25.34 2.02
N ILE A 441 -8.27 -25.97 1.80
CA ILE A 441 -9.56 -25.31 1.86
C ILE A 441 -9.91 -25.02 3.31
N THR A 442 -9.84 -26.04 4.18
CA THR A 442 -10.27 -25.85 5.58
C THR A 442 -9.36 -24.90 6.38
N ILE A 443 -8.04 -24.94 6.16
CA ILE A 443 -7.16 -24.04 6.90
C ILE A 443 -7.35 -22.59 6.45
N SER A 444 -7.44 -22.39 5.14
CA SER A 444 -7.59 -21.03 4.61
C SER A 444 -8.94 -20.42 5.05
N SER A 445 -9.96 -21.25 5.20
CA SER A 445 -11.24 -20.81 5.75
C SER A 445 -11.13 -20.38 7.21
N ALA A 446 -10.31 -21.09 7.98
CA ALA A 446 -10.18 -20.86 9.42
C ALA A 446 -9.26 -19.72 9.80
N LEU A 447 -8.38 -19.32 8.88
CA LEU A 447 -7.48 -18.21 9.14
C LEU A 447 -8.22 -16.86 9.12
N GLN A 448 -7.98 -16.04 10.13
CA GLN A 448 -8.57 -14.69 10.20
C GLN A 448 -7.67 -13.67 9.50
N ALA A 449 -7.64 -13.78 8.19
CA ALA A 449 -6.72 -13.01 7.35
C ALA A 449 -7.44 -12.64 6.05
N GLY A 450 -7.19 -11.43 5.58
CA GLY A 450 -7.89 -10.86 4.42
C GLY A 450 -7.49 -11.51 3.12
N THR A 451 -6.21 -11.84 2.99
CA THR A 451 -5.76 -12.63 1.86
C THR A 451 -5.04 -13.89 2.33
N VAL A 452 -5.47 -15.05 1.85
CA VAL A 452 -4.78 -16.31 2.18
C VAL A 452 -4.13 -16.94 0.93
N TRP A 453 -2.81 -17.03 0.90
CA TRP A 453 -2.11 -17.71 -0.19
C TRP A 453 -1.93 -19.20 0.12
N VAL A 454 -2.16 -20.04 -0.89
CA VAL A 454 -1.94 -21.46 -0.77
C VAL A 454 -0.81 -21.82 -1.73
N ASN A 455 0.25 -22.37 -1.15
CA ASN A 455 1.46 -22.78 -1.90
C ASN A 455 2.12 -21.64 -2.68
N CYS A 456 1.93 -20.43 -2.17
CA CYS A 456 2.59 -19.24 -2.66
C CYS A 456 2.47 -18.17 -1.57
N TYR A 457 2.97 -16.97 -1.87
CA TYR A 457 2.97 -15.84 -0.96
C TYR A 457 3.23 -14.56 -1.74
N GLY A 458 2.58 -13.48 -1.31
CA GLY A 458 2.84 -12.15 -1.84
C GLY A 458 2.32 -11.92 -3.25
N VAL A 459 1.36 -12.73 -3.67
CA VAL A 459 0.73 -12.65 -5.01
C VAL A 459 -0.43 -11.65 -4.96
N VAL A 460 -0.17 -10.47 -5.52
CA VAL A 460 -1.09 -9.33 -5.46
C VAL A 460 -1.35 -8.94 -6.91
N SER A 461 -2.60 -8.68 -7.24
CA SER A 461 -2.95 -8.24 -8.57
C SER A 461 -4.19 -7.33 -8.48
N ALA A 462 -4.35 -6.46 -9.48
CA ALA A 462 -5.44 -5.52 -9.53
C ALA A 462 -6.85 -6.17 -9.52
N GLN A 463 -6.95 -7.44 -9.95
CA GLN A 463 -8.21 -8.07 -10.13
C GLN A 463 -8.79 -8.54 -8.80
N CYS A 464 -7.93 -8.57 -7.78
CA CYS A 464 -8.20 -9.06 -6.41
C CYS A 464 -8.47 -8.00 -5.40
N PRO A 465 -9.48 -8.20 -4.54
CA PRO A 465 -9.61 -7.28 -3.45
C PRO A 465 -8.53 -7.63 -2.43
N PHE A 466 -8.11 -6.61 -1.72
CA PHE A 466 -6.99 -6.69 -0.82
C PHE A 466 -7.34 -5.81 0.39
N GLY A 467 -7.14 -6.36 1.58
CA GLY A 467 -7.26 -5.59 2.81
C GLY A 467 -7.28 -6.51 4.03
N GLY A 468 -7.41 -5.89 5.19
CA GLY A 468 -7.25 -6.61 6.47
C GLY A 468 -8.50 -7.02 7.20
N PHE A 469 -8.38 -8.13 7.95
CA PHE A 469 -9.29 -8.48 9.04
C PHE A 469 -8.75 -7.75 10.26
N LYS A 470 -9.61 -7.54 11.23
CA LYS A 470 -9.21 -7.01 12.54
C LYS A 470 -8.47 -5.67 12.45
N MET A 471 -7.45 -5.47 13.27
CA MET A 471 -6.76 -4.19 13.29
C MET A 471 -5.75 -3.99 12.14
N SER A 472 -5.69 -4.93 11.19
CA SER A 472 -4.95 -4.74 9.95
C SER A 472 -5.67 -3.86 8.90
N GLY A 473 -6.86 -3.33 9.20
CA GLY A 473 -7.58 -2.46 8.25
C GLY A 473 -9.08 -2.58 8.24
N ASN A 474 -9.72 -1.59 7.61
CA ASN A 474 -11.15 -1.53 7.38
C ASN A 474 -11.33 -1.32 5.88
N GLY A 475 -12.06 -2.21 5.24
CA GLY A 475 -12.40 -2.04 3.83
C GLY A 475 -11.47 -2.83 2.93
N ARG A 476 -11.75 -2.78 1.63
CA ARG A 476 -10.93 -3.46 0.63
C ARG A 476 -10.56 -2.50 -0.49
N GLU A 477 -9.39 -2.73 -1.07
CA GLU A 477 -8.93 -1.98 -2.21
C GLU A 477 -8.84 -2.92 -3.41
N LEU A 478 -9.14 -2.35 -4.57
CA LEU A 478 -9.03 -3.06 -5.83
C LEU A 478 -10.02 -4.20 -5.97
N GLY A 479 -9.97 -4.88 -7.12
CA GLY A 479 -11.01 -5.82 -7.49
C GLY A 479 -12.31 -5.07 -7.72
N GLU A 480 -13.32 -5.82 -8.12
CA GLU A 480 -14.70 -5.33 -8.16
C GLU A 480 -15.14 -4.79 -6.79
N TYR A 481 -14.82 -5.54 -5.74
CA TYR A 481 -15.28 -5.17 -4.39
C TYR A 481 -14.70 -3.86 -3.86
N GLY A 482 -13.45 -3.60 -4.16
CA GLY A 482 -12.78 -2.38 -3.70
C GLY A 482 -13.40 -1.12 -4.23
N PHE A 483 -14.01 -1.26 -5.41
CA PHE A 483 -14.62 -0.13 -6.07
C PHE A 483 -15.83 0.39 -5.30
N HIS A 484 -16.46 -0.46 -4.49
CA HIS A 484 -17.59 -0.04 -3.65
C HIS A 484 -17.24 1.09 -2.69
N GLU A 485 -16.01 1.15 -2.21
CA GLU A 485 -15.70 2.07 -1.14
C GLU A 485 -15.39 3.48 -1.64
N TYR A 486 -15.46 3.66 -2.95
CA TYR A 486 -15.38 4.99 -3.55
C TYR A 486 -16.71 5.43 -4.17
N THR A 487 -17.77 4.69 -3.88
CA THR A 487 -19.13 5.12 -4.27
C THR A 487 -19.99 5.48 -3.07
N GLU A 488 -21.01 6.28 -3.31
CA GLU A 488 -22.05 6.59 -2.35
C GLU A 488 -23.37 6.26 -3.04
N VAL A 489 -24.15 5.37 -2.44
CA VAL A 489 -25.38 4.91 -3.01
C VAL A 489 -26.55 5.81 -2.61
N LYS A 490 -27.27 6.22 -3.65
CA LYS A 490 -28.49 6.99 -3.54
C LYS A 490 -29.64 6.19 -4.12
N THR A 491 -30.69 6.05 -3.33
CA THR A 491 -31.92 5.40 -3.76
C THR A 491 -32.91 6.46 -4.19
N VAL A 492 -33.43 6.31 -5.40
CA VAL A 492 -34.49 7.19 -5.90
C VAL A 492 -35.77 6.38 -6.07
N THR A 493 -36.81 6.82 -5.39
CA THR A 493 -38.09 6.15 -5.39
C THR A 493 -39.16 7.11 -5.89
N VAL A 494 -39.75 6.74 -7.03
CA VAL A 494 -40.72 7.53 -7.79
C VAL A 494 -42.14 6.92 -7.70
N LYS A 495 -43.10 7.71 -7.24
CA LYS A 495 -44.51 7.32 -7.23
C LYS A 495 -44.98 7.10 -8.67
N ILE A 496 -45.65 5.98 -8.91
CA ILE A 496 -46.26 5.71 -10.20
C ILE A 496 -47.71 5.24 -10.00
N SER A 497 -48.51 5.36 -11.04
CA SER A 497 -49.93 5.01 -10.96
C SER A 497 -50.04 3.49 -10.74
N GLN A 498 -49.29 2.73 -11.49
CA GLN A 498 -49.28 1.26 -11.41
C GLN A 498 -48.02 0.64 -11.95
N LYS A 499 -47.41 -0.25 -11.15
CA LYS A 499 -46.23 -0.98 -11.58
C LYS A 499 -46.60 -2.32 -12.20
N ASN A 500 -45.74 -2.77 -13.08
CA ASN A 500 -45.82 -4.06 -13.66
C ASN A 500 -44.43 -4.68 -13.59
N SER A 501 -44.39 -5.96 -13.37
CA SER A 501 -43.13 -6.62 -13.19
C SER A 501 -42.29 -6.53 -14.49
#